data_5C5D
#
_entry.id   5C5D
#
_cell.length_a   84.084
_cell.length_b   154.958
_cell.length_c   89.130
_cell.angle_alpha   90.00
_cell.angle_beta   90.00
_cell.angle_gamma   90.00
#
_symmetry.space_group_name_H-M   'C 2 2 21'
#
loop_
_entity.id
_entity.type
_entity.pdbx_description
1 polymer 'phosphoribosylaminoimidazole carboxylase'
2 non-polymer 1,2-ETHANEDIOL
3 water water
#
_entity_poly.entity_id   1
_entity_poly.type   'polypeptide(L)'
_entity_poly.pdbx_seq_one_letter_code
;MRPLVIILMGSSSDMGHAEKIASELKTFGIEYAIRIGDAHKTAEHVVSMLKEYEALDRPKLYITIAGRSNALSGFVDGFV
KGATIACPPPSDSFAGADIYSSLRMPSGISPALVLEPKNAALLAARIFSLYDKEIADSVKSYMESNAQKIIEDDSKLKR
;
_entity_poly.pdbx_strand_id   A,B,C,D
#
# COMPACT_ATOMS: atom_id res chain seq x y z
N ARG A 2 -16.63 -25.09 -30.44
CA ARG A 2 -16.27 -24.41 -31.67
C ARG A 2 -15.76 -22.98 -31.44
N PRO A 3 -16.23 -22.32 -30.38
CA PRO A 3 -15.49 -21.08 -30.08
C PRO A 3 -14.03 -21.37 -29.68
N LEU A 4 -13.16 -20.36 -29.72
CA LEU A 4 -11.79 -20.53 -29.24
C LEU A 4 -11.43 -19.31 -28.41
N VAL A 5 -10.78 -19.53 -27.27
CA VAL A 5 -10.22 -18.40 -26.49
C VAL A 5 -8.70 -18.49 -26.56
N ILE A 6 -8.07 -17.40 -27.00
CA ILE A 6 -6.61 -17.37 -27.09
C ILE A 6 -6.12 -16.63 -25.86
N ILE A 7 -5.41 -17.32 -24.98
CA ILE A 7 -4.84 -16.71 -23.79
C ILE A 7 -3.41 -16.34 -24.15
N LEU A 8 -3.15 -15.03 -24.20
CA LEU A 8 -1.82 -14.55 -24.56
C LEU A 8 -1.25 -13.79 -23.37
N MET A 9 -0.08 -14.23 -22.93
CA MET A 9 0.57 -13.60 -21.79
C MET A 9 1.92 -13.05 -22.21
N GLY A 10 2.32 -11.99 -21.55
CA GLY A 10 3.54 -11.30 -21.92
C GLY A 10 4.83 -12.03 -21.52
N SER A 11 4.74 -12.86 -20.48
CA SER A 11 5.92 -13.49 -19.89
C SER A 11 5.60 -14.85 -19.32
N SER A 12 6.55 -15.78 -19.37
CA SER A 12 6.31 -17.10 -18.82
C SER A 12 6.02 -17.02 -17.32
N SER A 13 6.41 -15.91 -16.71
CA SER A 13 6.12 -15.69 -15.30
C SER A 13 4.61 -15.62 -15.02
N ASP A 14 3.83 -15.34 -16.06
CA ASP A 14 2.39 -15.20 -15.95
C ASP A 14 1.64 -16.52 -16.08
N MET A 15 2.36 -17.63 -16.13
CA MET A 15 1.71 -18.90 -16.43
C MET A 15 0.68 -19.34 -15.39
N GLY A 16 1.02 -19.23 -14.11
CA GLY A 16 0.09 -19.64 -13.07
C GLY A 16 -1.22 -18.90 -13.21
N HIS A 17 -1.15 -17.62 -13.55
CA HIS A 17 -2.35 -16.79 -13.74
C HIS A 17 -3.13 -17.30 -14.95
N ALA A 18 -2.42 -17.54 -16.04
CA ALA A 18 -3.05 -18.01 -17.27
C ALA A 18 -3.75 -19.36 -17.07
N GLU A 19 -3.11 -20.25 -16.31
CA GLU A 19 -3.66 -21.60 -16.12
C GLU A 19 -4.91 -21.57 -15.25
N LYS A 20 -5.03 -20.56 -14.39
CA LYS A 20 -6.26 -20.39 -13.63
C LYS A 20 -7.41 -20.04 -14.57
N ILE A 21 -7.09 -19.28 -15.61
CA ILE A 21 -8.09 -18.91 -16.60
C ILE A 21 -8.41 -20.13 -17.42
N ALA A 22 -7.37 -20.80 -17.90
CA ALA A 22 -7.58 -21.98 -18.75
C ALA A 22 -8.40 -23.07 -18.06
N SER A 23 -8.07 -23.37 -16.81
CA SER A 23 -8.81 -24.39 -16.06
C SER A 23 -10.27 -24.05 -16.01
N GLU A 24 -10.59 -22.79 -15.80
CA GLU A 24 -12.00 -22.41 -15.66
C GLU A 24 -12.71 -22.51 -17.01
N LEU A 25 -12.00 -22.15 -18.07
CA LEU A 25 -12.59 -22.23 -19.39
C LEU A 25 -12.94 -23.68 -19.72
N LYS A 26 -12.13 -24.62 -19.22
CA LYS A 26 -12.33 -26.04 -19.52
C LYS A 26 -13.59 -26.56 -18.83
N THR A 27 -13.92 -26.03 -17.65
CA THR A 27 -15.16 -26.42 -16.99
C THR A 27 -16.35 -25.89 -17.78
N PHE A 28 -16.15 -24.84 -18.57
CA PHE A 28 -17.20 -24.35 -19.45
C PHE A 28 -17.21 -25.10 -20.78
N GLY A 29 -16.26 -26.02 -20.95
CA GLY A 29 -16.13 -26.78 -22.18
C GLY A 29 -15.71 -25.92 -23.36
N ILE A 30 -14.87 -24.92 -23.09
CA ILE A 30 -14.44 -23.99 -24.14
C ILE A 30 -12.97 -24.20 -24.43
N GLU A 31 -12.65 -24.43 -25.70
CA GLU A 31 -11.28 -24.69 -26.12
C GLU A 31 -10.45 -23.44 -25.98
N TYR A 32 -9.22 -23.61 -25.53
CA TYR A 32 -8.30 -22.49 -25.39
C TYR A 32 -6.94 -22.82 -25.93
N ALA A 33 -6.18 -21.76 -26.18
CA ALA A 33 -4.77 -21.86 -26.55
C ALA A 33 -4.03 -20.97 -25.59
N ILE A 34 -2.81 -21.33 -25.22
CA ILE A 34 -2.02 -20.54 -24.31
C ILE A 34 -0.72 -20.23 -25.01
N ARG A 35 -0.41 -18.94 -25.08
CA ARG A 35 0.71 -18.42 -25.85
C ARG A 35 1.46 -17.37 -25.05
N ILE A 36 2.75 -17.21 -25.37
CA ILE A 36 3.60 -16.20 -24.76
C ILE A 36 4.13 -15.24 -25.82
N GLY A 37 4.11 -13.95 -25.51
CA GLY A 37 4.57 -12.94 -26.42
C GLY A 37 4.48 -11.56 -25.82
N ASP A 38 5.54 -10.76 -25.96
CA ASP A 38 5.59 -9.41 -25.41
C ASP A 38 5.34 -8.31 -26.46
N ALA A 39 4.56 -7.33 -26.10
CA ALA A 39 4.26 -6.27 -26.99
C ALA A 39 5.42 -5.38 -27.41
N HIS A 40 6.37 -5.15 -26.52
CA HIS A 40 7.47 -4.26 -26.84
C HIS A 40 8.72 -4.94 -27.37
N LYS A 41 8.99 -6.12 -26.87
CA LYS A 41 10.16 -6.86 -27.23
C LYS A 41 10.02 -7.87 -28.39
N THR A 42 8.83 -8.40 -28.59
CA THR A 42 8.58 -9.38 -29.63
C THR A 42 7.30 -9.04 -30.37
N ALA A 43 7.17 -7.78 -30.78
CA ALA A 43 5.98 -7.31 -31.47
C ALA A 43 5.69 -8.11 -32.75
N GLU A 44 6.71 -8.38 -33.56
CA GLU A 44 6.48 -9.12 -34.80
C GLU A 44 5.98 -10.54 -34.53
N HIS A 45 6.56 -11.20 -33.53
CA HIS A 45 6.15 -12.54 -33.11
C HIS A 45 4.67 -12.54 -32.70
N VAL A 46 4.26 -11.49 -32.00
CA VAL A 46 2.86 -11.38 -31.57
C VAL A 46 1.94 -11.18 -32.78
N VAL A 47 2.24 -10.21 -33.63
CA VAL A 47 1.44 -10.01 -34.86
C VAL A 47 1.32 -11.28 -35.71
N SER A 48 2.42 -11.96 -35.95
CA SER A 48 2.38 -13.16 -36.79
C SER A 48 1.42 -14.16 -36.16
N MET A 49 1.46 -14.23 -34.84
CA MET A 49 0.63 -15.15 -34.10
C MET A 49 -0.84 -14.76 -34.21
N LEU A 50 -1.13 -13.47 -34.04
CA LEU A 50 -2.52 -12.99 -34.11
C LEU A 50 -3.08 -13.21 -35.51
N LYS A 51 -2.25 -13.06 -36.52
CA LYS A 51 -2.69 -13.29 -37.90
C LYS A 51 -3.11 -14.72 -38.08
N GLU A 52 -2.37 -15.66 -37.51
CA GLU A 52 -2.77 -17.05 -37.59
C GLU A 52 -4.14 -17.21 -36.96
N TYR A 53 -4.36 -16.61 -35.80
CA TYR A 53 -5.64 -16.81 -35.15
C TYR A 53 -6.76 -16.05 -35.86
N GLU A 54 -6.45 -14.89 -36.42
CA GLU A 54 -7.49 -14.03 -36.98
C GLU A 54 -8.07 -14.63 -38.24
N ALA A 55 -7.33 -15.55 -38.82
CA ALA A 55 -7.72 -16.20 -40.08
C ALA A 55 -8.71 -17.35 -39.86
N LEU A 56 -8.75 -17.88 -38.64
CA LEU A 56 -9.63 -19.00 -38.33
C LEU A 56 -11.10 -18.61 -38.38
N ASP A 57 -11.89 -19.40 -39.11
CA ASP A 57 -13.32 -19.16 -39.20
C ASP A 57 -14.04 -19.83 -38.06
N ARG A 58 -14.16 -19.10 -36.96
CA ARG A 58 -14.81 -19.59 -35.77
C ARG A 58 -14.89 -18.42 -34.80
N PRO A 59 -15.83 -18.48 -33.84
CA PRO A 59 -15.90 -17.41 -32.85
C PRO A 59 -14.68 -17.42 -31.96
N LYS A 60 -14.08 -16.25 -31.75
CA LYS A 60 -12.90 -16.21 -30.91
C LYS A 60 -12.83 -14.97 -30.05
N LEU A 61 -12.24 -15.17 -28.87
CA LEU A 61 -11.87 -14.09 -27.94
C LEU A 61 -10.39 -14.25 -27.58
N TYR A 62 -9.77 -13.11 -27.23
CA TYR A 62 -8.39 -13.08 -26.77
C TYR A 62 -8.44 -12.61 -25.34
N ILE A 63 -7.79 -13.33 -24.43
CA ILE A 63 -7.63 -12.85 -23.05
C ILE A 63 -6.16 -12.54 -22.91
N THR A 64 -5.84 -11.29 -22.59
CA THR A 64 -4.47 -10.84 -22.60
C THR A 64 -4.00 -10.54 -21.18
N ILE A 65 -2.81 -11.06 -20.85
CA ILE A 65 -2.25 -11.01 -19.51
C ILE A 65 -0.87 -10.37 -19.54
N ALA A 66 -0.72 -9.21 -18.97
CA ALA A 66 0.59 -8.57 -18.92
C ALA A 66 0.72 -7.83 -17.62
N GLY A 67 1.82 -8.12 -16.94
CA GLY A 67 2.15 -7.44 -15.70
C GLY A 67 2.78 -6.10 -15.94
N ARG A 68 3.08 -5.39 -14.84
CA ARG A 68 3.63 -4.05 -14.86
C ARG A 68 2.76 -3.17 -15.74
N SER A 69 3.37 -2.31 -16.56
CA SER A 69 2.59 -1.46 -17.43
C SER A 69 2.09 -2.29 -18.60
N ASN A 70 0.78 -2.50 -18.65
CA ASN A 70 0.19 -3.41 -19.61
C ASN A 70 -0.03 -2.72 -20.96
N ALA A 71 0.88 -2.98 -21.88
CA ALA A 71 0.72 -2.51 -23.27
C ALA A 71 0.15 -3.61 -24.15
N LEU A 72 0.17 -4.85 -23.66
CA LEU A 72 -0.21 -5.99 -24.49
C LEU A 72 -1.68 -5.97 -24.83
N SER A 73 -2.52 -5.65 -23.85
CA SER A 73 -3.95 -5.72 -24.11
C SER A 73 -4.36 -4.72 -25.21
N GLY A 74 -3.91 -3.48 -25.10
CA GLY A 74 -4.19 -2.47 -26.10
C GLY A 74 -3.67 -2.83 -27.48
N PHE A 75 -2.48 -3.41 -27.51
CA PHE A 75 -1.85 -3.79 -28.78
C PHE A 75 -2.67 -4.84 -29.50
N VAL A 76 -3.04 -5.88 -28.77
CA VAL A 76 -3.83 -6.96 -29.30
C VAL A 76 -5.19 -6.42 -29.70
N ASP A 77 -5.78 -5.56 -28.87
CA ASP A 77 -7.14 -5.05 -29.12
C ASP A 77 -7.19 -4.18 -30.37
N GLY A 78 -6.13 -3.41 -30.59
CA GLY A 78 -6.03 -2.57 -31.77
C GLY A 78 -5.86 -3.36 -33.06
N PHE A 79 -5.43 -4.62 -32.95
CA PHE A 79 -5.14 -5.43 -34.14
C PHE A 79 -6.26 -6.36 -34.55
N VAL A 80 -6.87 -7.05 -33.60
CA VAL A 80 -7.84 -8.09 -33.90
C VAL A 80 -9.22 -7.48 -34.14
N LYS A 81 -10.08 -8.23 -34.81
CA LYS A 81 -11.38 -7.72 -35.20
C LYS A 81 -12.36 -7.71 -34.04
N GLY A 82 -12.41 -8.85 -33.34
CA GLY A 82 -13.43 -9.07 -32.34
C GLY A 82 -13.06 -8.51 -30.99
N ALA A 83 -13.92 -8.72 -30.02
CA ALA A 83 -13.67 -8.28 -28.65
C ALA A 83 -12.46 -8.95 -28.00
N THR A 84 -11.84 -8.25 -27.03
CA THR A 84 -10.81 -8.86 -26.20
C THR A 84 -11.07 -8.54 -24.72
N ILE A 85 -10.38 -9.29 -23.88
CA ILE A 85 -10.49 -9.19 -22.42
C ILE A 85 -9.09 -9.02 -21.84
N ALA A 86 -8.90 -8.01 -21.00
CA ALA A 86 -7.64 -7.82 -20.29
C ALA A 86 -7.79 -8.41 -18.90
N CYS A 87 -6.89 -9.30 -18.51
CA CYS A 87 -6.88 -9.84 -17.14
C CYS A 87 -5.45 -9.82 -16.59
N PRO A 88 -5.04 -8.65 -16.10
CA PRO A 88 -3.66 -8.53 -15.64
C PRO A 88 -3.41 -9.36 -14.39
N PRO A 89 -2.19 -9.84 -14.23
CA PRO A 89 -1.86 -10.54 -12.99
C PRO A 89 -1.84 -9.61 -11.78
N PRO A 90 -2.03 -10.16 -10.57
CA PRO A 90 -2.07 -9.28 -9.40
C PRO A 90 -0.69 -8.76 -9.03
N SER A 91 -0.67 -7.56 -8.50
CA SER A 91 0.57 -6.96 -8.00
C SER A 91 0.26 -6.00 -6.89
N ASP A 92 1.17 -5.94 -5.93
CA ASP A 92 1.06 -4.95 -4.84
C ASP A 92 2.03 -3.77 -5.05
N SER A 93 2.76 -3.78 -6.14
CA SER A 93 3.69 -2.69 -6.45
CA SER A 93 3.68 -2.68 -6.43
C SER A 93 2.93 -1.37 -6.52
N PHE A 94 3.42 -0.36 -5.79
CA PHE A 94 2.75 0.94 -5.78
C PHE A 94 1.25 0.83 -5.47
N ALA A 95 0.95 0.00 -4.49
CA ALA A 95 -0.42 -0.17 -4.01
C ALA A 95 -1.34 -0.60 -5.15
N GLY A 96 -0.77 -1.36 -6.08
CA GLY A 96 -1.56 -1.94 -7.16
C GLY A 96 -1.77 -1.02 -8.36
N ALA A 97 -1.00 0.06 -8.44
CA ALA A 97 -1.20 1.10 -9.44
C ALA A 97 -0.95 0.65 -10.87
N ASP A 98 -0.39 -0.55 -11.08
CA ASP A 98 -0.32 -1.09 -12.43
C ASP A 98 -1.70 -1.19 -13.07
N ILE A 99 -2.76 -1.28 -12.26
CA ILE A 99 -4.08 -1.44 -12.80
C ILE A 99 -4.43 -0.27 -13.71
N TYR A 100 -3.92 0.94 -13.46
CA TYR A 100 -4.31 2.05 -14.32
C TYR A 100 -3.84 1.92 -15.76
N SER A 101 -2.73 1.20 -16.00
CA SER A 101 -2.28 0.99 -17.38
C SER A 101 -3.24 0.13 -18.17
N SER A 102 -4.05 -0.69 -17.49
CA SER A 102 -5.09 -1.45 -18.17
C SER A 102 -6.38 -0.69 -18.31
N LEU A 103 -6.64 0.21 -17.38
CA LEU A 103 -7.91 0.98 -17.36
C LEU A 103 -7.95 2.10 -18.42
N ARG A 104 -6.83 2.81 -18.54
CA ARG A 104 -6.83 4.12 -19.19
C ARG A 104 -6.53 4.00 -20.66
N MET A 105 -7.53 3.50 -21.38
CA MET A 105 -7.40 3.29 -22.83
C MET A 105 -7.91 4.56 -23.53
N PRO A 106 -7.33 4.91 -24.67
CA PRO A 106 -7.87 5.99 -25.49
C PRO A 106 -9.16 5.55 -26.14
N SER A 107 -10.00 6.48 -26.57
CA SER A 107 -11.14 6.15 -27.39
C SER A 107 -10.66 5.35 -28.59
N GLY A 108 -11.33 4.23 -28.84
CA GLY A 108 -11.04 3.38 -29.99
C GLY A 108 -10.33 2.08 -29.64
N ILE A 109 -9.92 1.93 -28.38
CA ILE A 109 -9.28 0.70 -27.91
C ILE A 109 -10.12 0.23 -26.73
N SER A 110 -10.74 -0.95 -26.85
CA SER A 110 -11.84 -1.33 -25.95
C SER A 110 -11.74 -2.73 -25.36
N PRO A 111 -10.60 -3.08 -24.78
CA PRO A 111 -10.59 -4.38 -24.09
C PRO A 111 -11.47 -4.33 -22.85
N ALA A 112 -12.17 -5.42 -22.59
CA ALA A 112 -12.90 -5.60 -21.33
C ALA A 112 -11.94 -5.89 -20.18
N LEU A 113 -11.94 -5.07 -19.14
CA LEU A 113 -11.08 -5.32 -18.01
C LEU A 113 -11.79 -6.15 -16.94
N VAL A 114 -11.17 -7.25 -16.55
CA VAL A 114 -11.66 -8.09 -15.46
C VAL A 114 -10.46 -8.48 -14.58
N LEU A 115 -10.57 -8.33 -13.26
CA LEU A 115 -9.44 -8.64 -12.38
C LEU A 115 -9.24 -10.13 -12.07
N GLU A 116 -10.30 -10.86 -11.72
CA GLU A 116 -10.18 -12.25 -11.30
C GLU A 116 -10.10 -13.20 -12.50
N PRO A 117 -9.12 -14.11 -12.50
CA PRO A 117 -9.05 -15.01 -13.65
C PRO A 117 -10.28 -15.88 -13.85
N LYS A 118 -10.94 -16.34 -12.79
CA LYS A 118 -12.17 -17.10 -13.00
C LYS A 118 -13.22 -16.20 -13.64
N ASN A 119 -13.21 -14.91 -13.34
CA ASN A 119 -14.16 -14.03 -13.98
C ASN A 119 -13.84 -13.71 -15.42
N ALA A 120 -12.56 -13.72 -15.79
CA ALA A 120 -12.18 -13.58 -17.19
C ALA A 120 -12.76 -14.73 -17.99
N ALA A 121 -12.67 -15.93 -17.43
CA ALA A 121 -13.24 -17.08 -18.11
C ALA A 121 -14.77 -16.99 -18.18
N LEU A 122 -15.41 -16.55 -17.10
CA LEU A 122 -16.86 -16.47 -17.06
C LEU A 122 -17.35 -15.42 -18.07
N LEU A 123 -16.68 -14.28 -18.14
CA LEU A 123 -17.06 -13.25 -19.11
C LEU A 123 -16.94 -13.80 -20.54
N ALA A 124 -15.87 -14.53 -20.79
CA ALA A 124 -15.65 -15.11 -22.11
C ALA A 124 -16.83 -16.00 -22.45
N ALA A 125 -17.16 -16.89 -21.52
CA ALA A 125 -18.29 -17.80 -21.70
C ALA A 125 -19.59 -17.06 -21.97
N ARG A 126 -19.86 -16.03 -21.17
CA ARG A 126 -21.12 -15.32 -21.28
C ARG A 126 -21.16 -14.46 -22.54
N ILE A 127 -20.00 -14.14 -23.08
CA ILE A 127 -19.97 -13.46 -24.36
C ILE A 127 -20.44 -14.42 -25.47
N PHE A 128 -19.88 -15.62 -25.51
CA PHE A 128 -20.31 -16.65 -26.48
C PHE A 128 -21.76 -17.03 -26.26
N SER A 129 -22.19 -17.04 -25.00
CA SER A 129 -23.53 -17.51 -24.63
C SER A 129 -24.63 -16.72 -25.31
N LEU A 130 -24.30 -15.55 -25.87
CA LEU A 130 -25.30 -14.75 -26.55
C LEU A 130 -25.76 -15.45 -27.83
N TYR A 131 -24.93 -16.34 -28.36
CA TYR A 131 -25.23 -17.05 -29.62
C TYR A 131 -25.02 -18.56 -29.54
N ASP A 132 -24.54 -19.05 -28.39
CA ASP A 132 -24.18 -20.45 -28.21
C ASP A 132 -25.00 -21.07 -27.08
N LYS A 133 -26.03 -21.82 -27.45
CA LYS A 133 -26.95 -22.35 -26.46
C LYS A 133 -26.26 -23.32 -25.49
N GLU A 134 -25.27 -24.06 -25.97
CA GLU A 134 -24.55 -25.01 -25.12
C GLU A 134 -23.80 -24.28 -24.02
N ILE A 135 -23.01 -23.30 -24.40
CA ILE A 135 -22.25 -22.51 -23.42
C ILE A 135 -23.20 -21.82 -22.44
N ALA A 136 -24.33 -21.32 -22.94
CA ALA A 136 -25.31 -20.64 -22.07
C ALA A 136 -25.84 -21.58 -21.00
N ASP A 137 -26.12 -22.83 -21.38
CA ASP A 137 -26.57 -23.83 -20.42
C ASP A 137 -25.49 -24.06 -19.39
N SER A 138 -24.25 -24.10 -19.86
CA SER A 138 -23.11 -24.31 -18.99
C SER A 138 -22.94 -23.16 -17.98
N VAL A 139 -23.11 -21.94 -18.47
CA VAL A 139 -23.07 -20.75 -17.59
C VAL A 139 -24.16 -20.82 -16.53
N LYS A 140 -25.37 -21.16 -16.96
CA LYS A 140 -26.50 -21.18 -16.04
C LYS A 140 -26.23 -22.16 -14.90
N SER A 141 -25.71 -23.34 -15.24
CA SER A 141 -25.42 -24.37 -14.26
C SER A 141 -24.33 -23.90 -13.28
N TYR A 142 -23.31 -23.26 -13.82
CA TYR A 142 -22.21 -22.70 -13.04
C TYR A 142 -22.67 -21.65 -12.03
N MET A 143 -23.48 -20.71 -12.51
CA MET A 143 -23.86 -19.58 -11.67
C MET A 143 -24.86 -20.02 -10.63
N GLU A 144 -25.68 -21.03 -10.96
CA GLU A 144 -26.65 -21.59 -10.02
C GLU A 144 -25.92 -22.37 -8.92
N SER A 145 -24.89 -23.11 -9.29
CA SER A 145 -24.07 -23.82 -8.33
C SER A 145 -23.44 -22.85 -7.30
N ASN A 146 -22.93 -21.73 -7.80
CA ASN A 146 -22.34 -20.71 -6.93
C ASN A 146 -23.34 -20.22 -5.89
N ALA A 147 -24.57 -19.98 -6.33
CA ALA A 147 -25.61 -19.44 -5.44
C ALA A 147 -26.05 -20.49 -4.41
N GLN A 148 -26.24 -21.72 -4.87
CA GLN A 148 -26.70 -22.76 -3.97
C GLN A 148 -25.71 -23.02 -2.85
N LYS A 149 -24.41 -22.87 -3.14
CA LYS A 149 -23.38 -23.07 -2.12
C LYS A 149 -23.47 -22.04 -1.00
N ILE A 150 -23.71 -20.78 -1.36
CA ILE A 150 -23.86 -19.72 -0.36
C ILE A 150 -25.07 -20.01 0.52
N ILE A 151 -26.18 -20.34 -0.11
CA ILE A 151 -27.38 -20.67 0.63
C ILE A 151 -27.17 -21.90 1.54
N GLU A 152 -26.47 -22.94 1.07
CA GLU A 152 -26.29 -24.09 1.96
C GLU A 152 -25.28 -23.77 3.07
N ASP A 153 -24.34 -22.83 2.83
CA ASP A 153 -23.46 -22.32 3.90
C ASP A 153 -24.30 -21.65 4.97
N ASP A 154 -25.27 -20.82 4.58
CA ASP A 154 -26.18 -20.23 5.57
C ASP A 154 -26.95 -21.30 6.32
N SER A 155 -27.45 -22.31 5.61
CA SER A 155 -28.28 -23.30 6.28
C SER A 155 -27.42 -24.09 7.29
N LYS A 156 -26.14 -24.26 6.97
CA LYS A 156 -25.22 -25.04 7.81
C LYS A 156 -24.64 -24.26 8.96
N LEU A 157 -24.30 -23.00 8.72
CA LEU A 157 -23.64 -22.17 9.71
C LEU A 157 -24.61 -21.14 10.26
N LYS A 158 -25.90 -21.45 10.10
CA LYS A 158 -26.99 -20.64 10.62
C LYS A 158 -26.94 -20.57 12.14
N ARG A 159 -26.82 -19.36 12.67
CA ARG A 159 -26.80 -19.16 14.12
C ARG A 159 -27.70 -18.02 14.54
N MET B 1 37.74 7.87 -26.44
CA MET B 1 38.02 7.24 -25.14
C MET B 1 36.83 6.42 -24.68
N ARG B 2 37.09 5.46 -23.79
CA ARG B 2 36.04 4.54 -23.45
C ARG B 2 35.18 5.13 -22.33
N PRO B 3 33.90 4.83 -22.39
CA PRO B 3 32.93 5.35 -21.44
C PRO B 3 33.17 4.94 -20.01
N LEU B 4 32.69 5.76 -19.07
CA LEU B 4 32.71 5.44 -17.66
C LEU B 4 31.36 5.75 -17.04
N VAL B 5 30.85 4.81 -16.24
CA VAL B 5 29.67 5.06 -15.44
C VAL B 5 30.03 5.12 -13.96
N ILE B 6 29.67 6.22 -13.30
CA ILE B 6 29.91 6.39 -11.87
C ILE B 6 28.61 6.09 -11.17
N ILE B 7 28.57 4.99 -10.40
CA ILE B 7 27.42 4.61 -9.62
C ILE B 7 27.60 5.19 -8.23
N LEU B 8 26.80 6.20 -7.91
CA LEU B 8 26.92 6.87 -6.62
C LEU B 8 25.67 6.61 -5.80
N MET B 9 25.84 5.99 -4.63
CA MET B 9 24.72 5.69 -3.75
C MET B 9 24.82 6.45 -2.43
N GLY B 10 23.67 6.78 -1.85
CA GLY B 10 23.63 7.60 -0.65
C GLY B 10 24.08 6.87 0.59
N SER B 11 24.00 5.55 0.53
CA SER B 11 24.25 4.70 1.71
C SER B 11 24.80 3.34 1.34
N SER B 12 25.62 2.76 2.21
CA SER B 12 26.11 1.40 2.01
C SER B 12 24.95 0.41 1.96
N SER B 13 23.82 0.78 2.51
CA SER B 13 22.66 -0.11 2.49
C SER B 13 22.11 -0.29 1.07
N ASP B 14 22.50 0.59 0.16
CA ASP B 14 22.04 0.52 -1.22
C ASP B 14 22.92 -0.39 -2.10
N MET B 15 23.88 -1.10 -1.50
CA MET B 15 24.91 -1.75 -2.30
C MET B 15 24.34 -2.87 -3.18
N GLY B 16 23.35 -3.61 -2.69
CA GLY B 16 22.77 -4.68 -3.47
C GLY B 16 22.16 -4.19 -4.77
N HIS B 17 21.49 -3.04 -4.68
CA HIS B 17 20.90 -2.39 -5.84
C HIS B 17 21.99 -1.93 -6.81
N ALA B 18 23.01 -1.26 -6.28
CA ALA B 18 24.14 -0.83 -7.07
C ALA B 18 24.82 -1.98 -7.82
N GLU B 19 25.00 -3.12 -7.14
CA GLU B 19 25.72 -4.23 -7.73
C GLU B 19 24.94 -4.86 -8.88
N LYS B 20 23.61 -4.79 -8.83
CA LYS B 20 22.82 -5.24 -9.96
C LYS B 20 23.04 -4.36 -11.18
N ILE B 21 23.20 -3.06 -10.95
CA ILE B 21 23.48 -2.14 -12.04
C ILE B 21 24.86 -2.46 -12.58
N ALA B 22 25.83 -2.53 -11.69
CA ALA B 22 27.21 -2.79 -12.08
C ALA B 22 27.38 -4.11 -12.86
N SER B 23 26.75 -5.17 -12.37
CA SER B 23 26.86 -6.46 -13.03
C SER B 23 26.37 -6.37 -14.45
N GLU B 24 25.31 -5.59 -14.65
CA GLU B 24 24.76 -5.48 -16.00
C GLU B 24 25.67 -4.64 -16.90
N LEU B 25 26.21 -3.55 -16.38
CA LEU B 25 27.21 -2.78 -17.14
C LEU B 25 28.38 -3.65 -17.57
N LYS B 26 28.80 -4.56 -16.71
CA LYS B 26 29.91 -5.44 -17.09
C LYS B 26 29.57 -6.30 -18.31
N THR B 27 28.31 -6.72 -18.42
CA THR B 27 27.92 -7.49 -19.59
C THR B 27 27.97 -6.67 -20.87
N PHE B 28 27.82 -5.34 -20.77
CA PHE B 28 27.96 -4.46 -21.92
C PHE B 28 29.41 -4.03 -22.17
N GLY B 29 30.32 -4.44 -21.30
CA GLY B 29 31.72 -4.08 -21.43
C GLY B 29 31.99 -2.63 -21.08
N ILE B 30 31.20 -2.09 -20.18
CA ILE B 30 31.30 -0.69 -19.77
C ILE B 30 31.91 -0.60 -18.36
N GLU B 31 33.02 0.13 -18.27
CA GLU B 31 33.68 0.38 -16.99
C GLU B 31 32.79 1.17 -16.03
N TYR B 32 32.83 0.78 -14.77
CA TYR B 32 32.08 1.50 -13.73
C TYR B 32 32.94 1.75 -12.51
N ALA B 33 32.47 2.70 -11.70
CA ALA B 33 32.99 2.94 -10.37
C ALA B 33 31.79 2.95 -9.47
N ILE B 34 31.92 2.38 -8.28
CA ILE B 34 30.88 2.44 -7.25
C ILE B 34 31.37 3.27 -6.08
N ARG B 35 30.56 4.24 -5.66
CA ARG B 35 30.94 5.17 -4.62
C ARG B 35 29.77 5.40 -3.69
N ILE B 36 30.07 5.84 -2.48
CA ILE B 36 29.05 6.16 -1.48
C ILE B 36 29.17 7.61 -1.04
N GLY B 37 28.04 8.32 -1.01
CA GLY B 37 28.03 9.70 -0.55
C GLY B 37 26.61 10.20 -0.42
N ASP B 38 26.31 10.88 0.70
CA ASP B 38 24.96 11.34 1.00
C ASP B 38 24.85 12.84 0.76
N ALA B 39 23.76 13.26 0.12
CA ALA B 39 23.66 14.64 -0.33
C ALA B 39 23.54 15.59 0.86
N HIS B 40 22.81 15.17 1.89
CA HIS B 40 22.54 16.07 3.01
C HIS B 40 23.58 16.01 4.11
N LYS B 41 24.14 14.83 4.36
CA LYS B 41 25.08 14.69 5.47
C LYS B 41 26.54 14.87 5.05
N THR B 42 26.87 14.57 3.79
CA THR B 42 28.27 14.60 3.32
C THR B 42 28.40 15.32 1.98
N ALA B 43 27.75 16.49 1.89
CA ALA B 43 27.71 17.23 0.63
C ALA B 43 29.11 17.59 0.11
N GLU B 44 30.01 17.99 1.01
CA GLU B 44 31.34 18.38 0.54
C GLU B 44 32.11 17.19 -0.01
N HIS B 45 31.91 16.03 0.61
CA HIS B 45 32.54 14.81 0.17
C HIS B 45 32.03 14.45 -1.24
N VAL B 46 30.74 14.64 -1.46
CA VAL B 46 30.17 14.35 -2.77
C VAL B 46 30.74 15.30 -3.81
N VAL B 47 30.75 16.61 -3.52
CA VAL B 47 31.32 17.57 -4.47
C VAL B 47 32.77 17.25 -4.84
N SER B 48 33.58 16.93 -3.83
CA SER B 48 34.97 16.60 -4.03
C SER B 48 35.09 15.44 -5.00
N MET B 49 34.26 14.43 -4.78
CA MET B 49 34.28 13.25 -5.62
C MET B 49 33.86 13.57 -7.04
N LEU B 50 32.78 14.33 -7.19
CA LEU B 50 32.32 14.69 -8.51
C LEU B 50 33.39 15.47 -9.27
N LYS B 51 34.12 16.35 -8.60
CA LYS B 51 35.15 17.12 -9.28
C LYS B 51 36.22 16.20 -9.84
N GLU B 52 36.54 15.13 -9.10
CA GLU B 52 37.55 14.20 -9.54
C GLU B 52 37.09 13.52 -10.82
N TYR B 53 35.86 13.03 -10.85
CA TYR B 53 35.37 12.33 -12.04
C TYR B 53 35.16 13.29 -13.19
N GLU B 54 34.66 14.47 -12.88
CA GLU B 54 34.38 15.44 -13.94
C GLU B 54 35.61 15.85 -14.72
N ALA B 55 36.78 15.71 -14.09
CA ALA B 55 38.05 16.08 -14.69
C ALA B 55 38.58 15.01 -15.64
N LEU B 56 37.97 13.84 -15.67
CA LEU B 56 38.46 12.77 -16.55
C LEU B 56 38.05 13.06 -17.98
N ASP B 57 39.00 12.93 -18.89
CA ASP B 57 38.73 13.19 -20.31
C ASP B 57 38.26 11.90 -20.97
N ARG B 58 37.02 11.55 -20.66
CA ARG B 58 36.30 10.42 -21.24
C ARG B 58 34.82 10.68 -21.08
N PRO B 59 34.02 10.12 -21.97
CA PRO B 59 32.56 10.27 -21.80
C PRO B 59 32.06 9.54 -20.57
N LYS B 60 31.22 10.23 -19.81
CA LYS B 60 30.78 9.69 -18.54
C LYS B 60 29.31 9.96 -18.24
N LEU B 61 28.76 9.04 -17.48
CA LEU B 61 27.40 9.13 -16.94
C LEU B 61 27.47 8.86 -15.45
N TYR B 62 26.54 9.44 -14.70
CA TYR B 62 26.37 9.16 -13.31
C TYR B 62 25.03 8.50 -13.11
N ILE B 63 25.01 7.39 -12.39
CA ILE B 63 23.78 6.75 -11.96
C ILE B 63 23.67 6.95 -10.46
N THR B 64 22.62 7.68 -10.03
CA THR B 64 22.47 8.05 -8.63
C THR B 64 21.39 7.25 -7.95
N ILE B 65 21.75 6.70 -6.79
CA ILE B 65 20.91 5.80 -6.05
C ILE B 65 20.69 6.35 -4.64
N ALA B 66 19.45 6.74 -4.31
CA ALA B 66 19.16 7.17 -2.95
C ALA B 66 17.73 6.81 -2.58
N GLY B 67 17.63 6.23 -1.39
CA GLY B 67 16.35 5.80 -0.84
C GLY B 67 15.67 6.94 -0.15
N ARG B 68 14.46 6.68 0.34
CA ARG B 68 13.63 7.68 1.02
C ARG B 68 13.52 8.89 0.11
N SER B 69 13.54 10.10 0.65
CA SER B 69 13.45 11.29 -0.21
C SER B 69 14.79 11.48 -0.93
N ASN B 70 14.75 11.33 -2.22
CA ASN B 70 15.96 11.34 -3.04
C ASN B 70 16.38 12.77 -3.38
N ALA B 71 17.31 13.30 -2.59
CA ALA B 71 17.92 14.59 -2.91
C ALA B 71 19.21 14.40 -3.74
N LEU B 72 19.77 13.19 -3.70
CA LEU B 72 21.08 12.96 -4.32
C LEU B 72 21.05 13.12 -5.83
N SER B 73 20.00 12.59 -6.50
CA SER B 73 20.00 12.67 -7.94
C SER B 73 20.01 14.11 -8.45
N GLY B 74 19.20 14.97 -7.87
CA GLY B 74 19.17 16.35 -8.29
C GLY B 74 20.44 17.10 -7.93
N PHE B 75 21.03 16.75 -6.79
CA PHE B 75 22.28 17.37 -6.36
C PHE B 75 23.37 17.11 -7.39
N VAL B 76 23.55 15.84 -7.72
CA VAL B 76 24.56 15.48 -8.71
C VAL B 76 24.24 16.09 -10.06
N ASP B 77 22.98 16.03 -10.47
CA ASP B 77 22.59 16.50 -11.79
C ASP B 77 22.82 18.00 -11.95
N GLY B 78 22.60 18.74 -10.86
CA GLY B 78 22.87 20.17 -10.86
C GLY B 78 24.34 20.55 -10.86
N PHE B 79 25.21 19.59 -10.53
CA PHE B 79 26.64 19.86 -10.46
C PHE B 79 27.37 19.45 -11.75
N VAL B 80 27.11 18.24 -12.24
CA VAL B 80 27.91 17.74 -13.35
C VAL B 80 27.42 18.32 -14.69
N LYS B 81 28.27 18.21 -15.71
CA LYS B 81 27.99 18.80 -17.01
C LYS B 81 27.02 17.95 -17.82
N GLY B 82 27.35 16.68 -17.88
CA GLY B 82 26.61 15.75 -18.71
C GLY B 82 25.40 15.13 -18.06
N ALA B 83 24.82 14.19 -18.78
CA ALA B 83 23.57 13.55 -18.34
C ALA B 83 23.77 12.65 -17.14
N THR B 84 22.68 12.47 -16.40
CA THR B 84 22.67 11.57 -15.25
C THR B 84 21.38 10.77 -15.27
N ILE B 85 21.41 9.67 -14.53
CA ILE B 85 20.31 8.72 -14.43
C ILE B 85 20.03 8.50 -12.96
N ALA B 86 18.78 8.66 -12.59
CA ALA B 86 18.29 8.35 -11.24
C ALA B 86 17.71 6.95 -11.23
N CYS B 87 18.18 6.10 -10.31
CA CYS B 87 17.65 4.74 -10.21
C CYS B 87 17.51 4.42 -8.74
N PRO B 88 16.39 4.85 -8.13
CA PRO B 88 16.26 4.74 -6.68
C PRO B 88 16.04 3.29 -6.31
N PRO B 89 16.43 2.90 -5.09
CA PRO B 89 16.20 1.52 -4.66
C PRO B 89 14.71 1.33 -4.43
N PRO B 90 14.24 0.08 -4.51
CA PRO B 90 12.80 -0.13 -4.34
C PRO B 90 12.34 0.07 -2.92
N SER B 91 11.14 0.59 -2.77
CA SER B 91 10.56 0.68 -1.46
C SER B 91 9.06 0.56 -1.56
N ASP B 92 8.50 -0.08 -0.55
CA ASP B 92 7.06 -0.29 -0.46
C ASP B 92 6.46 0.63 0.60
N SER B 93 7.29 1.36 1.34
CA SER B 93 6.76 2.37 2.30
C SER B 93 5.85 3.38 1.62
N PHE B 94 4.74 3.72 2.28
CA PHE B 94 3.79 4.66 1.73
C PHE B 94 3.41 4.33 0.29
N ALA B 95 3.22 3.03 0.02
CA ALA B 95 2.82 2.55 -1.30
C ALA B 95 3.77 3.03 -2.38
N GLY B 96 5.05 3.13 -2.02
CA GLY B 96 6.05 3.51 -3.00
C GLY B 96 6.21 4.98 -3.27
N ALA B 97 5.59 5.81 -2.42
CA ALA B 97 5.52 7.23 -2.71
C ALA B 97 6.86 7.96 -2.68
N ASP B 98 7.92 7.30 -2.19
CA ASP B 98 9.25 7.89 -2.33
C ASP B 98 9.57 8.18 -3.81
N ILE B 99 8.88 7.52 -4.76
CA ILE B 99 9.16 7.75 -6.14
C ILE B 99 8.94 9.21 -6.57
N TYR B 100 8.00 9.90 -5.92
CA TYR B 100 7.71 11.28 -6.30
C TYR B 100 8.89 12.23 -6.05
N SER B 101 9.73 11.90 -5.08
CA SER B 101 10.92 12.71 -4.82
C SER B 101 11.95 12.62 -5.94
N SER B 102 11.94 11.52 -6.70
CA SER B 102 12.79 11.42 -7.88
C SER B 102 12.12 12.04 -9.13
N LEU B 103 10.80 11.93 -9.21
CA LEU B 103 10.01 12.44 -10.36
C LEU B 103 10.00 13.97 -10.41
N ARG B 104 9.74 14.60 -9.27
CA ARG B 104 9.32 16.00 -9.29
C ARG B 104 10.48 16.98 -9.21
N MET B 105 11.22 17.05 -10.30
CA MET B 105 12.32 18.01 -10.44
C MET B 105 11.85 19.38 -10.88
N PRO B 106 12.56 20.43 -10.48
CA PRO B 106 12.37 21.76 -11.02
C PRO B 106 12.82 21.83 -12.49
N SER B 107 12.39 22.86 -13.21
CA SER B 107 12.94 23.10 -14.55
C SER B 107 14.44 23.32 -14.40
N GLY B 108 15.25 22.70 -15.24
CA GLY B 108 16.69 22.88 -15.15
C GLY B 108 17.47 21.78 -14.47
N ILE B 109 16.76 20.79 -13.92
CA ILE B 109 17.38 19.62 -13.31
C ILE B 109 16.75 18.40 -14.00
N SER B 110 17.56 17.60 -14.72
CA SER B 110 17.00 16.67 -15.72
C SER B 110 17.54 15.23 -15.62
N PRO B 111 17.60 14.64 -14.42
CA PRO B 111 18.05 13.24 -14.39
C PRO B 111 17.06 12.32 -15.09
N ALA B 112 17.56 11.34 -15.80
CA ALA B 112 16.72 10.30 -16.38
C ALA B 112 16.24 9.34 -15.32
N LEU B 113 14.92 9.21 -15.11
CA LEU B 113 14.44 8.27 -14.10
C LEU B 113 14.16 6.93 -14.73
N VAL B 114 14.74 5.90 -14.14
CA VAL B 114 14.52 4.51 -14.54
C VAL B 114 14.37 3.68 -13.26
N LEU B 115 13.35 2.83 -13.20
CA LEU B 115 13.11 2.03 -12.00
C LEU B 115 14.01 0.80 -11.86
N GLU B 116 14.10 -0.03 -12.90
CA GLU B 116 14.80 -1.31 -12.75
C GLU B 116 16.30 -1.15 -12.90
N PRO B 117 17.10 -1.75 -12.02
CA PRO B 117 18.55 -1.55 -12.16
C PRO B 117 19.12 -2.06 -13.49
N LYS B 118 18.66 -3.20 -14.01
CA LYS B 118 19.11 -3.65 -15.32
C LYS B 118 18.78 -2.62 -16.40
N ASN B 119 17.66 -1.90 -16.24
CA ASN B 119 17.29 -0.91 -17.24
C ASN B 119 18.11 0.36 -17.10
N ALA B 120 18.56 0.67 -15.89
CA ALA B 120 19.45 1.81 -15.71
C ALA B 120 20.73 1.55 -16.48
N ALA B 121 21.24 0.33 -16.37
CA ALA B 121 22.43 -0.04 -17.12
C ALA B 121 22.20 -0.04 -18.64
N LEU B 122 21.04 -0.54 -19.07
CA LEU B 122 20.73 -0.58 -20.49
C LEU B 122 20.61 0.84 -21.04
N LEU B 123 19.96 1.74 -20.28
CA LEU B 123 19.84 3.12 -20.74
C LEU B 123 21.22 3.72 -20.87
N ALA B 124 22.06 3.51 -19.87
CA ALA B 124 23.41 4.06 -19.95
C ALA B 124 24.12 3.58 -21.23
N ALA B 125 24.10 2.29 -21.48
CA ALA B 125 24.71 1.74 -22.68
C ALA B 125 24.16 2.40 -23.93
N ARG B 126 22.85 2.56 -23.97
CA ARG B 126 22.22 3.08 -25.17
C ARG B 126 22.52 4.57 -25.37
N ILE B 127 22.74 5.28 -24.28
CA ILE B 127 23.23 6.64 -24.36
C ILE B 127 24.61 6.71 -25.03
N PHE B 128 25.55 5.90 -24.56
CA PHE B 128 26.86 5.84 -25.18
C PHE B 128 26.78 5.37 -26.62
N SER B 129 25.81 4.49 -26.88
CA SER B 129 25.72 3.85 -28.19
C SER B 129 25.48 4.81 -29.35
N LEU B 130 25.06 6.02 -29.05
CA LEU B 130 24.85 7.01 -30.11
C LEU B 130 26.18 7.35 -30.77
N TYR B 131 27.26 7.12 -30.06
CA TYR B 131 28.60 7.44 -30.58
C TYR B 131 29.60 6.30 -30.50
N ASP B 132 29.27 5.24 -29.78
CA ASP B 132 30.22 4.14 -29.53
C ASP B 132 29.68 2.87 -30.18
N LYS B 133 30.27 2.48 -31.32
CA LYS B 133 29.76 1.37 -32.12
C LYS B 133 29.95 0.02 -31.40
N GLU B 134 31.01 -0.09 -30.60
CA GLU B 134 31.26 -1.31 -29.84
C GLU B 134 30.09 -1.54 -28.87
N ILE B 135 29.67 -0.49 -28.22
CA ILE B 135 28.56 -0.63 -27.27
C ILE B 135 27.23 -0.84 -28.02
N ALA B 136 27.06 -0.18 -29.17
CA ALA B 136 25.87 -0.39 -29.97
C ALA B 136 25.72 -1.87 -30.33
N ASP B 137 26.83 -2.48 -30.69
CA ASP B 137 26.83 -3.89 -31.06
C ASP B 137 26.43 -4.76 -29.88
N SER B 138 26.97 -4.44 -28.71
CA SER B 138 26.62 -5.14 -27.48
CA SER B 138 26.62 -5.15 -27.48
C SER B 138 25.13 -4.99 -27.14
N VAL B 139 24.62 -3.78 -27.26
CA VAL B 139 23.21 -3.50 -26.97
C VAL B 139 22.33 -4.33 -27.92
N LYS B 140 22.70 -4.36 -29.19
CA LYS B 140 21.94 -5.12 -30.18
C LYS B 140 21.89 -6.59 -29.81
N SER B 141 23.03 -7.18 -29.46
CA SER B 141 23.07 -8.57 -29.04
C SER B 141 22.17 -8.85 -27.84
N TYR B 142 22.20 -7.91 -26.89
CA TYR B 142 21.49 -8.01 -25.62
C TYR B 142 19.98 -7.96 -25.86
N MET B 143 19.54 -6.99 -26.64
CA MET B 143 18.10 -6.84 -26.84
C MET B 143 17.58 -7.97 -27.74
N GLU B 144 18.39 -8.43 -28.70
CA GLU B 144 17.96 -9.51 -29.56
C GLU B 144 17.82 -10.77 -28.75
N SER B 145 18.70 -10.92 -27.77
CA SER B 145 18.74 -12.11 -26.93
C SER B 145 17.48 -12.16 -26.07
N ASN B 146 17.11 -11.01 -25.54
CA ASN B 146 15.91 -10.90 -24.71
C ASN B 146 14.68 -11.30 -25.47
N ALA B 147 14.58 -10.84 -26.71
CA ALA B 147 13.44 -11.14 -27.53
C ALA B 147 13.40 -12.63 -27.88
N GLN B 148 14.56 -13.22 -28.15
CA GLN B 148 14.59 -14.62 -28.53
C GLN B 148 14.21 -15.51 -27.36
N LYS B 149 14.49 -15.07 -26.13
CA LYS B 149 14.14 -15.86 -24.95
C LYS B 149 12.62 -16.01 -24.88
N ILE B 150 11.92 -14.90 -25.08
CA ILE B 150 10.46 -14.90 -25.02
C ILE B 150 9.87 -15.79 -26.10
N ILE B 151 10.35 -15.66 -27.34
CA ILE B 151 9.82 -16.46 -28.45
C ILE B 151 10.09 -17.93 -28.20
N GLU B 152 11.21 -18.22 -27.59
CA GLU B 152 11.55 -19.58 -27.25
C GLU B 152 10.62 -20.11 -26.17
N ASP B 153 10.34 -19.28 -25.17
CA ASP B 153 9.44 -19.68 -24.10
C ASP B 153 8.10 -20.09 -24.67
N ASP B 154 7.67 -19.42 -25.72
CA ASP B 154 6.40 -19.73 -26.34
C ASP B 154 6.40 -21.06 -27.04
N SER B 155 7.46 -21.33 -27.78
CA SER B 155 7.59 -22.58 -28.51
C SER B 155 7.78 -23.75 -27.57
N LYS B 156 8.35 -23.48 -26.39
CA LYS B 156 8.58 -24.52 -25.39
C LYS B 156 7.30 -25.00 -24.72
N LEU B 157 6.19 -24.33 -24.95
CA LEU B 157 4.94 -24.62 -24.24
C LEU B 157 4.43 -26.01 -24.54
N LYS B 158 3.43 -26.45 -23.78
CA LYS B 158 2.89 -27.81 -23.85
C LYS B 158 3.89 -28.81 -23.29
N MET C 1 17.04 25.03 35.62
CA MET C 1 17.31 23.60 35.72
C MET C 1 17.49 22.98 34.32
N ARG C 2 17.86 21.71 34.30
CA ARG C 2 18.14 20.97 33.08
C ARG C 2 16.91 20.87 32.19
N PRO C 3 17.12 20.75 30.88
CA PRO C 3 15.99 20.41 30.01
C PRO C 3 15.29 19.11 30.37
N LEU C 4 14.01 19.03 30.05
CA LEU C 4 13.24 17.79 30.18
C LEU C 4 12.46 17.50 28.91
N VAL C 5 12.45 16.25 28.48
CA VAL C 5 11.57 15.81 27.39
C VAL C 5 10.55 14.85 27.96
N ILE C 6 9.28 15.17 27.82
CA ILE C 6 8.21 14.27 28.22
C ILE C 6 7.75 13.49 27.00
N ILE C 7 7.98 12.19 27.02
CA ILE C 7 7.53 11.29 25.96
C ILE C 7 6.18 10.71 26.39
N LEU C 8 5.12 11.12 25.69
CA LEU C 8 3.76 10.73 26.04
C LEU C 8 3.18 9.92 24.89
N MET C 9 2.81 8.68 25.18
CA MET C 9 2.23 7.80 24.15
C MET C 9 0.81 7.45 24.51
N GLY C 10 0.00 7.17 23.49
CA GLY C 10 -1.40 6.85 23.72
C GLY C 10 -1.69 5.46 24.26
N SER C 11 -0.73 4.55 24.10
CA SER C 11 -0.93 3.16 24.45
C SER C 11 0.36 2.46 24.80
N SER C 12 0.29 1.47 25.67
CA SER C 12 1.49 0.72 26.03
C SER C 12 2.02 -0.02 24.81
N SER C 13 1.17 -0.18 23.79
CA SER C 13 1.61 -0.85 22.57
C SER C 13 2.63 0.00 21.82
N ASP C 14 2.74 1.28 22.20
CA ASP C 14 3.69 2.22 21.55
C ASP C 14 5.05 2.23 22.25
N MET C 15 5.23 1.41 23.28
CA MET C 15 6.39 1.53 24.12
C MET C 15 7.71 1.27 23.37
N GLY C 16 7.70 0.35 22.40
CA GLY C 16 8.91 0.07 21.65
C GLY C 16 9.41 1.30 20.93
N HIS C 17 8.47 2.01 20.33
CA HIS C 17 8.75 3.22 19.58
C HIS C 17 9.25 4.31 20.53
N ALA C 18 8.55 4.44 21.66
CA ALA C 18 8.96 5.42 22.67
C ALA C 18 10.38 5.18 23.21
N GLU C 19 10.75 3.91 23.42
CA GLU C 19 12.06 3.60 23.97
C GLU C 19 13.18 3.93 22.99
N LYS C 20 12.90 3.87 21.69
CA LYS C 20 13.90 4.29 20.71
C LYS C 20 14.20 5.76 20.85
N ILE C 21 13.16 6.55 21.12
CA ILE C 21 13.33 7.99 21.29
C ILE C 21 14.12 8.24 22.57
N ALA C 22 13.71 7.55 23.62
CA ALA C 22 14.32 7.72 24.92
C ALA C 22 15.79 7.34 24.89
N SER C 23 16.10 6.22 24.24
CA SER C 23 17.47 5.78 24.15
C SER C 23 18.35 6.83 23.51
N GLU C 24 17.81 7.46 22.48
CA GLU C 24 18.60 8.43 21.75
C GLU C 24 18.77 9.70 22.56
N LEU C 25 17.71 10.14 23.25
CA LEU C 25 17.85 11.30 24.16
C LEU C 25 18.93 11.07 25.19
N LYS C 26 19.02 9.84 25.71
CA LYS C 26 20.04 9.52 26.69
C LYS C 26 21.45 9.76 26.10
N THR C 27 21.67 9.48 24.82
CA THR C 27 23.00 9.74 24.24
C THR C 27 23.29 11.23 24.15
N PHE C 28 22.27 12.09 24.08
CA PHE C 28 22.49 13.55 24.12
C PHE C 28 22.59 14.10 25.55
N GLY C 29 22.42 13.24 26.54
CA GLY C 29 22.47 13.67 27.94
C GLY C 29 21.23 14.47 28.34
N ILE C 30 20.10 14.15 27.72
CA ILE C 30 18.82 14.85 27.98
C ILE C 30 17.88 13.96 28.78
N GLU C 31 17.48 14.49 29.93
CA GLU C 31 16.54 13.80 30.80
C GLU C 31 15.18 13.67 30.15
N TYR C 32 14.53 12.54 30.37
CA TYR C 32 13.23 12.28 29.79
C TYR C 32 12.32 11.62 30.82
N ALA C 33 11.02 11.75 30.57
CA ALA C 33 9.99 11.00 31.23
C ALA C 33 9.21 10.26 30.15
N ILE C 34 8.76 9.06 30.50
CA ILE C 34 7.92 8.25 29.60
C ILE C 34 6.60 7.99 30.31
N ARG C 35 5.52 8.34 29.63
CA ARG C 35 4.17 8.28 30.18
C ARG C 35 3.19 7.76 29.15
N ILE C 36 2.05 7.28 29.66
CA ILE C 36 0.98 6.74 28.83
C ILE C 36 -0.33 7.44 29.17
N GLY C 37 -1.02 7.88 28.14
CA GLY C 37 -2.35 8.46 28.28
C GLY C 37 -2.97 8.68 26.90
N ASP C 38 -4.25 8.36 26.80
CA ASP C 38 -4.99 8.47 25.58
C ASP C 38 -5.88 9.70 25.57
N ALA C 39 -5.83 10.46 24.50
CA ALA C 39 -6.60 11.66 24.41
C ALA C 39 -8.08 11.51 24.55
N HIS C 40 -8.60 10.49 23.92
CA HIS C 40 -10.02 10.27 23.87
C HIS C 40 -10.60 9.47 25.00
N LYS C 41 -9.84 8.51 25.49
CA LYS C 41 -10.34 7.68 26.54
C LYS C 41 -9.96 8.11 27.93
N THR C 42 -8.86 8.83 28.09
CA THR C 42 -8.36 9.23 29.39
C THR C 42 -7.93 10.70 29.34
N ALA C 43 -8.80 11.56 28.83
CA ALA C 43 -8.46 12.98 28.66
C ALA C 43 -8.11 13.63 29.98
N GLU C 44 -8.82 13.30 31.05
CA GLU C 44 -8.61 14.01 32.30
C GLU C 44 -7.31 13.58 32.94
N HIS C 45 -6.99 12.31 32.79
CA HIS C 45 -5.70 11.78 33.20
C HIS C 45 -4.57 12.51 32.45
N VAL C 46 -4.76 12.74 31.16
CA VAL C 46 -3.74 13.41 30.35
C VAL C 46 -3.63 14.85 30.82
N VAL C 47 -4.76 15.52 30.99
CA VAL C 47 -4.70 16.92 31.44
C VAL C 47 -3.99 17.04 32.80
N SER C 48 -4.31 16.16 33.75
CA SER C 48 -3.75 16.28 35.08
C SER C 48 -2.25 16.07 35.00
N MET C 49 -1.82 15.16 34.13
CA MET C 49 -0.40 14.91 33.92
C MET C 49 0.30 16.13 33.30
N LEU C 50 -0.31 16.71 32.26
CA LEU C 50 0.27 17.89 31.63
C LEU C 50 0.37 19.06 32.60
N LYS C 51 -0.62 19.26 33.46
CA LYS C 51 -0.51 20.34 34.45
C LYS C 51 0.70 20.13 35.36
N GLU C 52 0.96 18.89 35.73
CA GLU C 52 2.07 18.59 36.61
C GLU C 52 3.40 18.94 35.97
N TYR C 53 3.57 18.58 34.69
CA TYR C 53 4.82 18.87 33.99
C TYR C 53 4.93 20.34 33.68
N GLU C 54 3.80 20.96 33.31
CA GLU C 54 3.80 22.38 32.95
C GLU C 54 4.22 23.26 34.11
N ALA C 55 3.99 22.77 35.33
CA ALA C 55 4.35 23.54 36.51
C ALA C 55 5.85 23.53 36.80
N LEU C 56 6.63 22.68 36.11
CA LEU C 56 8.06 22.62 36.36
C LEU C 56 8.76 23.81 35.71
N ASP C 57 9.59 24.49 36.48
CA ASP C 57 10.31 25.64 35.96
C ASP C 57 11.65 25.21 35.36
N ARG C 58 11.55 24.64 34.18
CA ARG C 58 12.70 24.18 33.43
C ARG C 58 12.27 24.08 31.97
N PRO C 59 13.22 24.18 31.05
CA PRO C 59 12.84 24.07 29.64
C PRO C 59 12.36 22.69 29.31
N LYS C 60 11.21 22.60 28.65
CA LYS C 60 10.63 21.30 28.40
C LYS C 60 10.06 21.20 26.99
N LEU C 61 10.13 19.98 26.49
CA LEU C 61 9.46 19.59 25.23
C LEU C 61 8.63 18.37 25.47
N TYR C 62 7.55 18.23 24.71
CA TYR C 62 6.75 17.05 24.73
C TYR C 62 6.88 16.37 23.39
N ILE C 63 7.11 15.06 23.40
CA ILE C 63 7.07 14.25 22.19
C ILE C 63 5.90 13.30 22.32
N THR C 64 4.95 13.45 21.42
CA THR C 64 3.68 12.72 21.49
C THR C 64 3.60 11.64 20.42
N ILE C 65 3.21 10.45 20.88
CA ILE C 65 3.21 9.24 20.07
C ILE C 65 1.83 8.64 20.12
N ALA C 66 1.13 8.60 19.00
CA ALA C 66 -0.18 7.94 18.95
C ALA C 66 -0.37 7.32 17.58
N GLY C 67 -0.78 6.06 17.61
CA GLY C 67 -1.08 5.33 16.40
C GLY C 67 -2.46 5.63 15.88
N ARG C 68 -2.78 5.00 14.75
CA ARG C 68 -4.05 5.21 14.06
C ARG C 68 -4.28 6.71 13.87
N SER C 69 -5.51 7.17 14.04
CA SER C 69 -5.78 8.58 13.94
C SER C 69 -5.22 9.29 15.15
N ASN C 70 -4.18 10.08 14.93
CA ASN C 70 -3.46 10.75 16.03
C ASN C 70 -4.18 11.99 16.46
N ALA C 71 -4.92 11.88 17.55
CA ALA C 71 -5.50 13.05 18.18
C ALA C 71 -4.65 13.57 19.33
N LEU C 72 -3.73 12.75 19.81
CA LEU C 72 -2.95 13.10 21.00
C LEU C 72 -2.03 14.29 20.77
N SER C 73 -1.35 14.32 19.62
CA SER C 73 -0.36 15.37 19.44
C SER C 73 -1.01 16.76 19.49
N GLY C 74 -2.15 16.90 18.84
CA GLY C 74 -2.85 18.18 18.81
C GLY C 74 -3.44 18.55 20.14
N PHE C 75 -3.91 17.56 20.86
CA PHE C 75 -4.48 17.76 22.18
C PHE C 75 -3.41 18.32 23.12
N VAL C 76 -2.27 17.66 23.17
CA VAL C 76 -1.15 18.14 24.00
C VAL C 76 -0.69 19.52 23.54
N ASP C 77 -0.51 19.67 22.23
CA ASP C 77 -0.03 20.92 21.69
C ASP C 77 -0.96 22.12 21.99
N GLY C 78 -2.27 21.89 22.02
CA GLY C 78 -3.18 22.97 22.32
C GLY C 78 -3.26 23.30 23.81
N PHE C 79 -2.67 22.44 24.64
CA PHE C 79 -2.71 22.66 26.10
C PHE C 79 -1.42 23.31 26.64
N VAL C 80 -0.28 22.83 26.20
CA VAL C 80 1.00 23.25 26.81
C VAL C 80 1.48 24.52 26.19
N LYS C 81 2.37 25.20 26.90
CA LYS C 81 2.85 26.49 26.49
C LYS C 81 3.87 26.40 25.37
N GLY C 82 4.86 25.55 25.57
CA GLY C 82 5.98 25.51 24.66
C GLY C 82 5.79 24.53 23.51
N ALA C 83 6.87 24.33 22.78
CA ALA C 83 6.84 23.47 21.59
C ALA C 83 6.64 22.01 21.90
N THR C 84 6.06 21.32 20.92
CA THR C 84 5.87 19.89 20.94
C THR C 84 6.24 19.28 19.59
N ILE C 85 6.52 17.99 19.65
CA ILE C 85 6.96 17.16 18.54
C ILE C 85 6.06 15.95 18.44
N ALA C 86 5.49 15.72 17.27
CA ALA C 86 4.69 14.54 16.97
C ALA C 86 5.61 13.52 16.29
N CYS C 87 5.61 12.30 16.83
CA CYS C 87 6.44 11.22 16.27
C CYS C 87 5.59 9.95 16.30
N PRO C 88 4.67 9.82 15.33
CA PRO C 88 3.76 8.66 15.36
C PRO C 88 4.47 7.38 15.05
N PRO C 89 3.96 6.27 15.59
CA PRO C 89 4.59 5.00 15.27
C PRO C 89 4.30 4.63 13.83
N PRO C 90 5.16 3.79 13.24
CA PRO C 90 5.00 3.47 11.81
C PRO C 90 3.82 2.55 11.60
N SER C 91 3.16 2.70 10.47
CA SER C 91 2.08 1.79 10.11
C SER C 91 1.97 1.73 8.63
N ASP C 92 1.64 0.56 8.13
CA ASP C 92 1.41 0.41 6.69
C ASP C 92 -0.07 0.24 6.40
N SER C 93 -0.92 0.45 7.39
CA SER C 93 -2.37 0.38 7.17
C SER C 93 -2.73 1.46 6.13
N PHE C 94 -3.55 1.11 5.13
CA PHE C 94 -3.95 2.04 4.09
C PHE C 94 -2.74 2.78 3.52
N ALA C 95 -1.70 1.97 3.27
CA ALA C 95 -0.42 2.44 2.73
C ALA C 95 0.12 3.67 3.47
N GLY C 96 0.01 3.65 4.79
CA GLY C 96 0.57 4.70 5.61
C GLY C 96 -0.26 5.95 5.82
N ALA C 97 -1.52 5.89 5.42
CA ALA C 97 -2.37 7.08 5.44
C ALA C 97 -2.68 7.60 6.83
N ASP C 98 -2.36 6.86 7.90
CA ASP C 98 -2.48 7.44 9.26
C ASP C 98 -1.63 8.73 9.41
N ILE C 99 -0.60 8.86 8.56
CA ILE C 99 0.26 10.03 8.64
C ILE C 99 -0.53 11.34 8.48
N TYR C 100 -1.61 11.34 7.71
CA TYR C 100 -2.32 12.60 7.45
C TYR C 100 -2.97 13.15 8.72
N SER C 101 -3.32 12.28 9.68
CA SER C 101 -3.89 12.75 10.94
C SER C 101 -2.91 13.53 11.77
N SER C 102 -1.62 13.28 11.58
CA SER C 102 -0.59 14.05 12.27
C SER C 102 -0.26 15.34 11.54
N LEU C 103 -0.33 15.30 10.20
CA LEU C 103 0.02 16.45 9.33
C LEU C 103 -1.01 17.59 9.38
N ARG C 104 -2.28 17.24 9.32
CA ARG C 104 -3.35 18.20 9.00
C ARG C 104 -3.93 18.87 10.23
N MET C 105 -3.13 19.74 10.80
CA MET C 105 -3.54 20.51 11.95
C MET C 105 -4.29 21.79 11.53
N PRO C 106 -5.19 22.27 12.39
CA PRO C 106 -5.80 23.60 12.21
C PRO C 106 -4.75 24.69 12.42
N SER C 107 -4.98 25.88 11.90
CA SER C 107 -4.12 27.00 12.24
C SER C 107 -4.16 27.17 13.75
N GLY C 108 -3.01 27.37 14.39
CA GLY C 108 -2.98 27.55 15.85
C GLY C 108 -2.57 26.33 16.66
N ILE C 109 -2.36 25.20 15.97
CA ILE C 109 -1.91 23.97 16.60
C ILE C 109 -0.67 23.56 15.81
N SER C 110 0.50 23.55 16.45
CA SER C 110 1.75 23.54 15.70
C SER C 110 2.78 22.52 16.12
N PRO C 111 2.39 21.24 16.32
CA PRO C 111 3.42 20.25 16.64
C PRO C 111 4.38 20.05 15.47
N ALA C 112 5.64 19.87 15.78
CA ALA C 112 6.65 19.52 14.79
C ALA C 112 6.52 18.04 14.41
N LEU C 113 6.27 17.72 13.15
CA LEU C 113 6.16 16.31 12.78
C LEU C 113 7.53 15.80 12.33
N VAL C 114 7.93 14.67 12.90
CA VAL C 114 9.14 13.97 12.52
C VAL C 114 8.82 12.48 12.49
N LEU C 115 9.20 11.77 11.43
CA LEU C 115 8.84 10.36 11.32
C LEU C 115 9.73 9.45 12.13
N GLU C 116 11.04 9.65 12.06
CA GLU C 116 11.98 8.70 12.64
C GLU C 116 12.22 8.99 14.10
N PRO C 117 12.16 7.96 14.96
CA PRO C 117 12.33 8.25 16.39
C PRO C 117 13.72 8.85 16.75
N LYS C 118 14.80 8.42 16.11
CA LYS C 118 16.08 9.05 16.36
C LYS C 118 16.05 10.52 15.93
N ASN C 119 15.26 10.86 14.91
CA ASN C 119 15.20 12.25 14.45
C ASN C 119 14.34 13.07 15.40
N ALA C 120 13.33 12.46 16.04
CA ALA C 120 12.56 13.20 17.03
C ALA C 120 13.49 13.61 18.17
N ALA C 121 14.34 12.68 18.61
CA ALA C 121 15.30 12.98 19.65
C ALA C 121 16.30 14.06 19.20
N LEU C 122 16.82 13.94 17.99
CA LEU C 122 17.79 14.93 17.47
C LEU C 122 17.12 16.31 17.34
N LEU C 123 15.88 16.37 16.84
CA LEU C 123 15.20 17.67 16.76
C LEU C 123 15.07 18.28 18.18
N ALA C 124 14.62 17.48 19.14
CA ALA C 124 14.53 17.94 20.54
C ALA C 124 15.87 18.50 21.00
N ALA C 125 16.96 17.77 20.80
CA ALA C 125 18.28 18.26 21.20
C ALA C 125 18.60 19.57 20.52
N ARG C 126 18.31 19.67 19.23
CA ARG C 126 18.68 20.86 18.47
C ARG C 126 17.83 22.06 18.85
N ILE C 127 16.62 21.78 19.32
CA ILE C 127 15.78 22.85 19.88
C ILE C 127 16.42 23.42 21.15
N PHE C 128 16.80 22.55 22.08
CA PHE C 128 17.46 23.04 23.29
C PHE C 128 18.78 23.71 22.97
N SER C 129 19.44 23.28 21.89
CA SER C 129 20.80 23.72 21.60
C SER C 129 20.88 25.18 21.26
N LEU C 130 19.74 25.80 20.95
CA LEU C 130 19.77 27.21 20.64
C LEU C 130 20.23 28.01 21.87
N TYR C 131 20.04 27.42 23.06
CA TYR C 131 20.36 28.11 24.30
C TYR C 131 21.25 27.30 25.25
N ASP C 132 21.52 26.03 24.93
CA ASP C 132 22.24 25.09 25.81
C ASP C 132 23.48 24.64 25.10
N LYS C 133 24.63 25.16 25.54
CA LYS C 133 25.87 24.95 24.80
C LYS C 133 26.33 23.50 24.94
N GLU C 134 26.07 22.87 26.09
CA GLU C 134 26.46 21.48 26.29
C GLU C 134 25.71 20.57 25.31
N ILE C 135 24.42 20.83 25.14
CA ILE C 135 23.66 20.02 24.18
C ILE C 135 24.12 20.32 22.76
N ALA C 136 24.39 21.60 22.45
CA ALA C 136 24.95 21.96 21.16
C ALA C 136 26.23 21.16 20.88
N ASP C 137 27.11 21.03 21.89
CA ASP C 137 28.35 20.26 21.72
C ASP C 137 28.04 18.81 21.41
N SER C 138 27.05 18.24 22.09
CA SER C 138 26.68 16.85 21.87
CA SER C 138 26.68 16.86 21.85
C SER C 138 26.11 16.65 20.46
N VAL C 139 25.25 17.58 20.01
CA VAL C 139 24.70 17.53 18.64
C VAL C 139 25.79 17.58 17.57
N LYS C 140 26.78 18.44 17.77
CA LYS C 140 27.89 18.54 16.84
C LYS C 140 28.62 17.21 16.68
N SER C 141 28.94 16.56 17.81
CA SER C 141 29.66 15.28 17.79
C SER C 141 28.86 14.20 17.09
N TYR C 142 27.57 14.16 17.39
CA TYR C 142 26.64 13.19 16.85
C TYR C 142 26.56 13.35 15.35
N MET C 143 26.32 14.58 14.89
CA MET C 143 26.12 14.78 13.47
C MET C 143 27.44 14.59 12.72
N GLU C 144 28.56 15.03 13.28
CA GLU C 144 29.86 14.78 12.66
C GLU C 144 30.18 13.29 12.56
N SER C 145 29.79 12.53 13.58
CA SER C 145 30.02 11.09 13.58
C SER C 145 29.18 10.39 12.47
N ASN C 146 27.97 10.87 12.27
CA ASN C 146 27.13 10.33 11.19
C ASN C 146 27.75 10.59 9.83
N ALA C 147 28.32 11.79 9.64
CA ALA C 147 28.91 12.10 8.35
C ALA C 147 30.17 11.27 8.16
N GLN C 148 30.97 11.13 9.22
CA GLN C 148 32.20 10.37 9.10
C GLN C 148 31.99 8.90 8.80
N LYS C 149 30.90 8.31 9.29
CA LYS C 149 30.62 6.89 9.02
C LYS C 149 30.41 6.68 7.52
N ILE C 150 29.72 7.62 6.89
CA ILE C 150 29.46 7.51 5.44
C ILE C 150 30.73 7.61 4.63
N ILE C 151 31.54 8.60 4.95
CA ILE C 151 32.80 8.76 4.26
C ILE C 151 33.72 7.54 4.43
N GLU C 152 33.74 6.98 5.62
CA GLU C 152 34.50 5.78 5.88
C GLU C 152 33.96 4.61 5.05
N ASP C 153 32.65 4.51 4.92
CA ASP C 153 32.03 3.46 4.12
C ASP C 153 32.47 3.58 2.67
N ASP C 154 32.46 4.81 2.14
CA ASP C 154 33.02 5.04 0.81
C ASP C 154 34.50 4.68 0.72
N SER C 155 35.27 4.97 1.76
CA SER C 155 36.71 4.67 1.71
C SER C 155 36.98 3.19 1.63
N LYS C 156 36.10 2.40 2.23
CA LYS C 156 36.23 0.95 2.16
C LYS C 156 35.99 0.49 0.72
N LEU C 157 35.44 1.39 -0.11
CA LEU C 157 35.13 1.12 -1.53
C LEU C 157 36.05 1.82 -2.54
N LYS C 158 36.34 3.09 -2.28
CA LYS C 158 37.20 3.91 -3.14
C LYS C 158 37.36 5.31 -2.57
N MET D 1 -39.79 -6.59 23.62
CA MET D 1 -38.75 -7.64 23.74
C MET D 1 -37.35 -7.04 23.55
N ARG D 2 -36.38 -7.82 23.95
CA ARG D 2 -34.99 -7.40 24.02
C ARG D 2 -34.40 -7.12 22.64
N PRO D 3 -33.32 -6.33 22.60
CA PRO D 3 -32.68 -6.04 21.33
C PRO D 3 -32.13 -7.28 20.61
N LEU D 4 -31.97 -7.16 19.30
CA LEU D 4 -31.41 -8.20 18.46
C LEU D 4 -30.48 -7.57 17.43
N VAL D 5 -29.30 -8.14 17.23
CA VAL D 5 -28.42 -7.70 16.18
C VAL D 5 -28.25 -8.84 15.20
N ILE D 6 -28.56 -8.58 13.94
CA ILE D 6 -28.39 -9.55 12.90
C ILE D 6 -27.08 -9.26 12.23
N ILE D 7 -26.17 -10.22 12.30
CA ILE D 7 -24.87 -10.10 11.65
C ILE D 7 -24.94 -10.85 10.35
N LEU D 8 -24.95 -10.15 9.24
CA LEU D 8 -25.12 -10.76 7.92
C LEU D 8 -23.88 -10.57 7.07
N MET D 9 -23.29 -11.68 6.63
CA MET D 9 -22.05 -11.62 5.87
C MET D 9 -22.26 -12.18 4.47
N GLY D 10 -21.48 -11.68 3.51
CA GLY D 10 -21.66 -12.04 2.12
C GLY D 10 -21.11 -13.40 1.80
N SER D 11 -20.16 -13.87 2.60
CA SER D 11 -19.51 -15.15 2.38
C SER D 11 -19.10 -15.82 3.68
N SER D 12 -19.16 -17.14 3.70
CA SER D 12 -18.69 -17.88 4.86
C SER D 12 -17.21 -17.61 5.12
N SER D 13 -16.49 -17.06 4.13
CA SER D 13 -15.09 -16.78 4.32
C SER D 13 -14.90 -15.67 5.35
N ASP D 14 -15.97 -14.91 5.62
CA ASP D 14 -15.95 -13.82 6.59
C ASP D 14 -16.28 -14.23 8.02
N MET D 15 -16.39 -15.52 8.31
CA MET D 15 -16.97 -15.97 9.57
C MET D 15 -16.13 -15.50 10.77
N GLY D 16 -14.81 -15.51 10.62
CA GLY D 16 -13.94 -15.10 11.72
C GLY D 16 -14.18 -13.66 12.15
N HIS D 17 -14.40 -12.79 11.17
CA HIS D 17 -14.70 -11.39 11.39
C HIS D 17 -16.05 -11.24 12.09
N ALA D 18 -17.03 -11.97 11.59
CA ALA D 18 -18.35 -11.97 12.23
C ALA D 18 -18.27 -12.44 13.68
N GLU D 19 -17.45 -13.47 13.95
CA GLU D 19 -17.34 -14.00 15.29
CA GLU D 19 -17.35 -14.00 15.30
C GLU D 19 -16.75 -12.98 16.26
N LYS D 20 -15.84 -12.14 15.77
CA LYS D 20 -15.29 -11.09 16.62
C LYS D 20 -16.36 -10.14 17.06
N ILE D 21 -17.27 -9.83 16.14
CA ILE D 21 -18.35 -8.94 16.47
C ILE D 21 -19.30 -9.61 17.46
N ALA D 22 -19.64 -10.86 17.19
CA ALA D 22 -20.62 -11.55 18.01
C ALA D 22 -20.07 -11.70 19.43
N SER D 23 -18.79 -12.04 19.51
CA SER D 23 -18.12 -12.22 20.80
C SER D 23 -18.26 -10.95 21.63
N GLU D 24 -18.07 -9.82 20.99
CA GLU D 24 -18.15 -8.57 21.74
C GLU D 24 -19.60 -8.26 22.12
N LEU D 25 -20.55 -8.55 21.24
CA LEU D 25 -21.97 -8.32 21.58
C LEU D 25 -22.38 -9.18 22.79
N LYS D 26 -21.79 -10.35 22.92
CA LYS D 26 -22.13 -11.23 24.03
C LYS D 26 -21.73 -10.61 25.35
N THR D 27 -20.61 -9.88 25.36
CA THR D 27 -20.13 -9.22 26.57
C THR D 27 -21.11 -8.12 27.01
N PHE D 28 -21.81 -7.48 26.06
CA PHE D 28 -22.82 -6.47 26.38
C PHE D 28 -24.20 -7.04 26.71
N GLY D 29 -24.35 -8.36 26.57
CA GLY D 29 -25.60 -9.02 26.88
C GLY D 29 -26.66 -8.86 25.79
N ILE D 30 -26.18 -8.72 24.55
CA ILE D 30 -27.05 -8.45 23.40
C ILE D 30 -27.15 -9.69 22.52
N GLU D 31 -28.39 -10.13 22.30
CA GLU D 31 -28.61 -11.29 21.44
C GLU D 31 -28.21 -10.95 20.02
N TYR D 32 -27.61 -11.93 19.34
CA TYR D 32 -27.22 -11.79 17.93
C TYR D 32 -27.63 -13.03 17.12
N ALA D 33 -27.74 -12.83 15.82
CA ALA D 33 -27.89 -13.92 14.87
C ALA D 33 -26.81 -13.74 13.83
N ILE D 34 -26.20 -14.85 13.40
CA ILE D 34 -25.20 -14.82 12.33
C ILE D 34 -25.73 -15.54 11.12
N ARG D 35 -25.71 -14.85 9.99
CA ARG D 35 -26.27 -15.35 8.75
C ARG D 35 -25.34 -15.06 7.59
N ILE D 36 -25.52 -15.83 6.53
CA ILE D 36 -24.77 -15.69 5.30
C ILE D 36 -25.69 -15.46 4.11
N GLY D 37 -25.35 -14.48 3.30
CA GLY D 37 -26.08 -14.23 2.07
C GLY D 37 -25.43 -13.13 1.29
N ASP D 38 -25.37 -13.33 -0.03
CA ASP D 38 -24.72 -12.42 -0.93
C ASP D 38 -25.72 -11.59 -1.71
N ALA D 39 -25.45 -10.29 -1.81
CA ALA D 39 -26.38 -9.36 -2.47
C ALA D 39 -26.59 -9.64 -3.95
N HIS D 40 -25.54 -10.07 -4.64
CA HIS D 40 -25.63 -10.19 -6.10
C HIS D 40 -25.94 -11.59 -6.59
N LYS D 41 -25.53 -12.58 -5.82
CA LYS D 41 -25.70 -13.98 -6.23
C LYS D 41 -26.92 -14.64 -5.57
N THR D 42 -27.33 -14.14 -4.40
CA THR D 42 -28.45 -14.75 -3.68
C THR D 42 -29.38 -13.68 -3.12
N ALA D 43 -29.76 -12.73 -3.98
CA ALA D 43 -30.60 -11.60 -3.57
C ALA D 43 -31.91 -12.04 -2.97
N GLU D 44 -32.60 -12.96 -3.63
CA GLU D 44 -33.89 -13.42 -3.15
C GLU D 44 -33.78 -14.07 -1.79
N HIS D 45 -32.69 -14.81 -1.58
CA HIS D 45 -32.41 -15.44 -0.30
C HIS D 45 -32.22 -14.35 0.78
N VAL D 46 -31.49 -13.30 0.44
CA VAL D 46 -31.22 -12.21 1.38
C VAL D 46 -32.55 -11.51 1.70
N VAL D 47 -33.34 -11.20 0.67
CA VAL D 47 -34.64 -10.55 0.89
C VAL D 47 -35.54 -11.40 1.78
N SER D 48 -35.60 -12.69 1.52
CA SER D 48 -36.44 -13.58 2.30
CA SER D 48 -36.45 -13.58 2.30
C SER D 48 -36.05 -13.55 3.78
N MET D 49 -34.75 -13.57 4.03
CA MET D 49 -34.20 -13.52 5.37
C MET D 49 -34.52 -12.20 6.04
N LEU D 50 -34.32 -11.12 5.31
CA LEU D 50 -34.58 -9.79 5.88
C LEU D 50 -36.07 -9.64 6.22
N LYS D 51 -36.97 -10.20 5.39
CA LYS D 51 -38.39 -10.07 5.69
C LYS D 51 -38.74 -10.76 7.01
N GLU D 52 -38.09 -11.89 7.28
CA GLU D 52 -38.35 -12.61 8.51
C GLU D 52 -37.89 -11.79 9.74
N TYR D 53 -36.68 -11.22 9.70
CA TYR D 53 -36.18 -10.43 10.83
C TYR D 53 -36.97 -9.12 10.99
N GLU D 54 -37.36 -8.53 9.88
CA GLU D 54 -38.07 -7.23 9.90
C GLU D 54 -39.44 -7.32 10.56
N ALA D 55 -40.05 -8.50 10.48
CA ALA D 55 -41.37 -8.77 11.04
C ALA D 55 -41.33 -8.93 12.58
N LEU D 56 -40.14 -9.02 13.16
CA LEU D 56 -40.05 -9.17 14.61
C LEU D 56 -40.27 -7.83 15.34
N ASP D 57 -41.18 -7.82 16.30
CA ASP D 57 -41.40 -6.62 17.09
C ASP D 57 -40.40 -6.55 18.24
N ARG D 58 -39.18 -6.15 17.90
CA ARG D 58 -38.14 -5.89 18.86
C ARG D 58 -37.15 -4.95 18.22
N PRO D 59 -36.41 -4.18 19.03
CA PRO D 59 -35.41 -3.28 18.46
C PRO D 59 -34.31 -4.05 17.79
N LYS D 60 -33.98 -3.73 16.55
CA LYS D 60 -32.95 -4.49 15.87
C LYS D 60 -32.00 -3.63 15.10
N LEU D 61 -30.79 -4.16 14.95
CA LEU D 61 -29.78 -3.58 14.09
C LEU D 61 -29.24 -4.68 13.19
N TYR D 62 -28.81 -4.31 11.99
CA TYR D 62 -28.10 -5.22 11.11
C TYR D 62 -26.68 -4.75 11.00
N ILE D 63 -25.73 -5.67 11.15
CA ILE D 63 -24.32 -5.38 10.90
C ILE D 63 -23.95 -6.20 9.67
N THR D 64 -23.54 -5.51 8.61
CA THR D 64 -23.31 -6.14 7.31
C THR D 64 -21.84 -6.19 6.95
N ILE D 65 -21.41 -7.39 6.62
CA ILE D 65 -20.00 -7.71 6.35
C ILE D 65 -19.78 -8.22 4.95
N ALA D 66 -19.09 -7.45 4.10
CA ALA D 66 -18.81 -7.92 2.76
C ALA D 66 -17.45 -7.40 2.32
N GLY D 67 -16.65 -8.30 1.77
CA GLY D 67 -15.35 -7.90 1.27
C GLY D 67 -15.40 -7.40 -0.16
N ARG D 68 -14.23 -7.05 -0.67
CA ARG D 68 -14.11 -6.53 -2.02
C ARG D 68 -15.04 -5.37 -2.15
N SER D 69 -15.70 -5.21 -3.30
CA SER D 69 -16.67 -4.14 -3.43
C SER D 69 -17.93 -4.47 -2.65
N ASN D 70 -18.16 -3.70 -1.60
CA ASN D 70 -19.27 -3.97 -0.70
C ASN D 70 -20.60 -3.45 -1.23
N ALA D 71 -21.39 -4.34 -1.80
CA ALA D 71 -22.75 -4.02 -2.23
C ALA D 71 -23.77 -4.45 -1.18
N LEU D 72 -23.38 -5.32 -0.26
CA LEU D 72 -24.35 -5.85 0.73
C LEU D 72 -24.87 -4.79 1.68
N SER D 73 -23.99 -3.92 2.17
CA SER D 73 -24.42 -2.99 3.20
C SER D 73 -25.51 -2.05 2.64
N GLY D 74 -25.32 -1.50 1.44
CA GLY D 74 -26.34 -0.66 0.86
C GLY D 74 -27.63 -1.39 0.52
N PHE D 75 -27.51 -2.64 0.07
CA PHE D 75 -28.68 -3.44 -0.27
C PHE D 75 -29.56 -3.65 0.94
N VAL D 76 -28.94 -4.05 2.02
CA VAL D 76 -29.67 -4.29 3.26
C VAL D 76 -30.21 -2.97 3.80
N ASP D 77 -29.37 -1.94 3.82
CA ASP D 77 -29.80 -0.63 4.31
C ASP D 77 -30.99 -0.06 3.51
N GLY D 78 -31.04 -0.32 2.20
CA GLY D 78 -32.16 0.14 1.41
C GLY D 78 -33.45 -0.63 1.64
N PHE D 79 -33.34 -1.82 2.21
CA PHE D 79 -34.48 -2.69 2.42
C PHE D 79 -35.12 -2.51 3.81
N VAL D 80 -34.30 -2.50 4.86
CA VAL D 80 -34.83 -2.54 6.23
C VAL D 80 -35.23 -1.16 6.69
N LYS D 81 -36.09 -1.13 7.72
CA LYS D 81 -36.65 0.12 8.25
C LYS D 81 -35.62 0.90 9.05
N GLY D 82 -34.99 0.21 10.00
CA GLY D 82 -34.13 0.83 10.99
C GLY D 82 -32.70 0.94 10.55
N ALA D 83 -31.84 1.35 11.47
CA ALA D 83 -30.44 1.59 11.15
C ALA D 83 -29.67 0.32 10.88
N THR D 84 -28.59 0.48 10.13
CA THR D 84 -27.64 -0.59 9.90
C THR D 84 -26.23 -0.08 10.06
N ILE D 85 -25.32 -1.03 10.23
CA ILE D 85 -23.88 -0.77 10.44
C ILE D 85 -23.10 -1.60 9.42
N ALA D 86 -22.21 -0.96 8.66
CA ALA D 86 -21.27 -1.66 7.79
C ALA D 86 -19.96 -1.89 8.52
N CYS D 87 -19.48 -3.12 8.54
CA CYS D 87 -18.19 -3.42 9.14
C CYS D 87 -17.49 -4.39 8.20
N PRO D 88 -16.83 -3.86 7.16
CA PRO D 88 -16.23 -4.74 6.17
C PRO D 88 -14.98 -5.41 6.76
N PRO D 89 -14.62 -6.59 6.23
CA PRO D 89 -13.39 -7.22 6.66
C PRO D 89 -12.20 -6.41 6.19
N PRO D 90 -11.09 -6.51 6.90
CA PRO D 90 -9.96 -5.68 6.48
C PRO D 90 -9.30 -6.25 5.24
N SER D 91 -8.77 -5.36 4.39
CA SER D 91 -8.04 -5.79 3.23
C SER D 91 -6.94 -4.81 2.94
N ASP D 92 -5.82 -5.34 2.49
CA ASP D 92 -4.69 -4.50 2.10
C ASP D 92 -4.57 -4.40 0.59
N SER D 93 -5.49 -5.00 -0.13
CA SER D 93 -5.47 -4.92 -1.58
CA SER D 93 -5.50 -4.93 -1.58
C SER D 93 -5.67 -3.47 -2.00
N PHE D 94 -4.86 -3.02 -2.97
CA PHE D 94 -4.93 -1.63 -3.44
C PHE D 94 -4.90 -0.65 -2.27
N ALA D 95 -4.04 -0.95 -1.30
CA ALA D 95 -3.81 -0.05 -0.18
C ALA D 95 -5.08 0.20 0.60
N GLY D 96 -5.94 -0.80 0.63
CA GLY D 96 -7.14 -0.70 1.42
C GLY D 96 -8.31 -0.01 0.71
N ALA D 97 -8.21 0.17 -0.61
CA ALA D 97 -9.17 0.99 -1.35
C ALA D 97 -10.57 0.36 -1.44
N ASP D 98 -10.72 -0.90 -1.06
CA ASP D 98 -12.11 -1.43 -0.90
C ASP D 98 -12.95 -0.60 0.04
N ILE D 99 -12.32 0.17 0.94
CA ILE D 99 -13.10 0.93 1.90
C ILE D 99 -14.02 1.94 1.22
N TYR D 100 -13.62 2.43 0.05
CA TYR D 100 -14.45 3.45 -0.62
C TYR D 100 -15.80 2.90 -1.04
N SER D 101 -15.89 1.60 -1.33
CA SER D 101 -17.19 1.01 -1.68
C SER D 101 -18.18 0.99 -0.52
N SER D 102 -17.69 1.00 0.72
CA SER D 102 -18.55 1.12 1.88
C SER D 102 -18.85 2.60 2.19
N LEU D 103 -17.90 3.49 1.91
CA LEU D 103 -18.08 4.95 2.19
C LEU D 103 -19.09 5.67 1.27
N ARG D 104 -18.99 5.43 -0.03
CA ARG D 104 -19.61 6.30 -1.03
C ARG D 104 -21.03 5.89 -1.42
N MET D 105 -21.91 6.11 -0.48
CA MET D 105 -23.33 5.79 -0.65
C MET D 105 -24.06 6.93 -1.38
N PRO D 106 -25.13 6.59 -2.10
CA PRO D 106 -26.01 7.62 -2.64
C PRO D 106 -26.77 8.30 -1.49
N SER D 107 -27.40 9.43 -1.75
CA SER D 107 -28.21 10.05 -0.70
C SER D 107 -29.37 9.10 -0.48
N GLY D 108 -29.73 8.86 0.77
CA GLY D 108 -30.86 8.00 1.07
C GLY D 108 -30.51 6.59 1.47
N ILE D 109 -29.21 6.30 1.51
CA ILE D 109 -28.69 5.00 1.94
C ILE D 109 -27.66 5.33 3.00
N SER D 110 -27.95 4.93 4.24
CA SER D 110 -27.20 5.52 5.39
C SER D 110 -26.61 4.52 6.36
N PRO D 111 -25.92 3.47 5.88
CA PRO D 111 -25.29 2.59 6.86
C PRO D 111 -24.19 3.31 7.62
N ALA D 112 -24.09 3.06 8.91
CA ALA D 112 -22.97 3.52 9.75
C ALA D 112 -21.71 2.73 9.44
N LEU D 113 -20.64 3.38 9.00
CA LEU D 113 -19.40 2.64 8.75
C LEU D 113 -18.50 2.65 9.98
N VAL D 114 -18.05 1.47 10.39
CA VAL D 114 -17.09 1.31 11.48
C VAL D 114 -16.07 0.26 11.07
N LEU D 115 -14.79 0.53 11.27
CA LEU D 115 -13.79 -0.43 10.82
C LEU D 115 -13.57 -1.63 11.72
N GLU D 116 -13.45 -1.41 13.02
CA GLU D 116 -13.08 -2.49 13.89
C GLU D 116 -14.31 -3.26 14.37
N PRO D 117 -14.25 -4.58 14.33
CA PRO D 117 -15.37 -5.41 14.80
C PRO D 117 -15.79 -5.11 16.24
N LYS D 118 -14.86 -4.88 17.16
CA LYS D 118 -15.26 -4.57 18.52
C LYS D 118 -16.02 -3.25 18.56
N ASN D 119 -15.67 -2.33 17.66
CA ASN D 119 -16.31 -1.01 17.61
C ASN D 119 -17.67 -1.11 16.96
N ALA D 120 -17.85 -2.07 16.04
CA ALA D 120 -19.19 -2.24 15.49
C ALA D 120 -20.13 -2.72 16.59
N ALA D 121 -19.66 -3.62 17.44
CA ALA D 121 -20.45 -4.10 18.58
C ALA D 121 -20.74 -2.99 19.57
N LEU D 122 -19.73 -2.18 19.87
CA LEU D 122 -19.91 -1.08 20.81
C LEU D 122 -20.89 -0.05 20.29
N LEU D 123 -20.78 0.27 19.00
CA LEU D 123 -21.72 1.22 18.41
C LEU D 123 -23.12 0.66 18.51
N ALA D 124 -23.29 -0.61 18.18
CA ALA D 124 -24.63 -1.21 18.26
C ALA D 124 -25.16 -1.06 19.71
N ALA D 125 -24.33 -1.41 20.68
CA ALA D 125 -24.76 -1.32 22.06
C ALA D 125 -25.13 0.11 22.41
N ARG D 126 -24.35 1.06 21.93
CA ARG D 126 -24.62 2.47 22.28
C ARG D 126 -25.86 3.01 21.57
N ILE D 127 -26.21 2.44 20.43
CA ILE D 127 -27.48 2.78 19.76
C ILE D 127 -28.66 2.31 20.62
N PHE D 128 -28.63 1.07 21.11
CA PHE D 128 -29.73 0.61 21.97
C PHE D 128 -29.75 1.38 23.28
N SER D 129 -28.58 1.83 23.73
CA SER D 129 -28.46 2.43 25.05
C SER D 129 -29.19 3.76 25.17
N LEU D 130 -29.52 4.41 24.06
CA LEU D 130 -30.33 5.64 24.10
C LEU D 130 -31.69 5.40 24.78
N TYR D 131 -32.17 4.16 24.74
CA TYR D 131 -33.49 3.81 25.31
C TYR D 131 -33.42 2.66 26.31
N ASP D 132 -32.29 1.98 26.37
CA ASP D 132 -32.14 0.78 27.20
C ASP D 132 -31.10 0.98 28.30
N LYS D 133 -31.57 1.15 29.53
CA LYS D 133 -30.71 1.51 30.65
C LYS D 133 -29.75 0.40 31.02
N GLU D 134 -30.20 -0.84 30.89
CA GLU D 134 -29.35 -1.95 31.26
C GLU D 134 -28.16 -2.04 30.32
N ILE D 135 -28.40 -1.84 29.04
CA ILE D 135 -27.28 -1.84 28.08
C ILE D 135 -26.40 -0.61 28.31
N ALA D 136 -27.01 0.53 28.66
CA ALA D 136 -26.23 1.72 28.99
C ALA D 136 -25.27 1.47 30.17
N ASP D 137 -25.76 0.77 31.21
CA ASP D 137 -24.90 0.37 32.33
C ASP D 137 -23.71 -0.49 31.88
N SER D 138 -23.98 -1.43 30.98
CA SER D 138 -22.94 -2.31 30.46
CA SER D 138 -22.94 -2.30 30.45
C SER D 138 -21.91 -1.54 29.64
N VAL D 139 -22.39 -0.61 28.82
CA VAL D 139 -21.49 0.23 28.03
C VAL D 139 -20.59 1.02 28.96
N LYS D 140 -21.16 1.56 30.03
CA LYS D 140 -20.39 2.39 30.94
C LYS D 140 -19.29 1.56 31.62
N SER D 141 -19.63 0.36 32.09
CA SER D 141 -18.66 -0.53 32.69
C SER D 141 -17.51 -0.84 31.70
N TYR D 142 -17.88 -1.10 30.45
CA TYR D 142 -16.92 -1.42 29.38
C TYR D 142 -15.96 -0.29 29.11
N MET D 143 -16.52 0.91 28.95
CA MET D 143 -15.72 2.05 28.56
C MET D 143 -14.87 2.48 29.76
N GLU D 144 -15.40 2.36 30.97
CA GLU D 144 -14.60 2.69 32.16
C GLU D 144 -13.44 1.72 32.33
N SER D 145 -13.69 0.45 32.05
CA SER D 145 -12.64 -0.55 32.12
C SER D 145 -11.52 -0.25 31.14
N ASN D 146 -11.86 0.17 29.92
CA ASN D 146 -10.83 0.49 28.93
C ASN D 146 -9.95 1.64 29.42
N ALA D 147 -10.59 2.65 29.99
CA ALA D 147 -9.87 3.81 30.49
C ALA D 147 -8.95 3.41 31.62
N GLN D 148 -9.45 2.59 32.54
CA GLN D 148 -8.70 2.26 33.74
C GLN D 148 -7.49 1.42 33.40
N LYS D 149 -7.57 0.64 32.33
CA LYS D 149 -6.41 -0.16 31.93
C LYS D 149 -5.26 0.74 31.45
N ILE D 150 -5.59 1.78 30.71
CA ILE D 150 -4.60 2.74 30.23
C ILE D 150 -3.93 3.46 31.39
N ILE D 151 -4.75 3.91 32.34
CA ILE D 151 -4.21 4.61 33.51
C ILE D 151 -3.35 3.66 34.35
N GLU D 152 -3.78 2.41 34.46
CA GLU D 152 -2.98 1.41 35.19
C GLU D 152 -1.66 1.15 34.47
N ASP D 153 -1.68 1.14 33.14
CA ASP D 153 -0.44 0.93 32.40
C ASP D 153 0.50 2.08 32.67
N ASP D 154 -0.02 3.30 32.71
CA ASP D 154 0.83 4.43 33.05
C ASP D 154 1.39 4.33 34.45
N SER D 155 0.57 3.86 35.38
CA SER D 155 1.02 3.78 36.76
C SER D 155 2.15 2.77 36.93
N LYS D 156 2.15 1.72 36.11
CA LYS D 156 3.18 0.68 36.21
C LYS D 156 4.45 1.13 35.51
N LEU D 157 4.27 1.52 34.25
CA LEU D 157 5.37 1.63 33.28
C LEU D 157 5.97 3.03 33.18
N LYS D 158 5.51 3.96 34.01
CA LYS D 158 5.94 5.34 33.88
C LYS D 158 7.34 5.53 34.48
N ARG D 159 8.17 6.29 33.77
CA ARG D 159 9.53 6.59 34.20
C ARG D 159 9.80 8.10 34.10
#